data_1Y11
#
_entry.id   1Y11
#
_cell.length_a   114.114
_cell.length_b   114.114
_cell.length_c   151.771
_cell.angle_alpha   90.00
_cell.angle_beta   90.00
_cell.angle_gamma   120.00
#
_symmetry.space_group_name_H-M   'P 62 2 2'
#
loop_
_entity.id
_entity.type
_entity.pdbx_description
1 polymer 'Hypothetical protein Rv1264/MT1302'
2 non-polymer 'SULFATE ION'
3 non-polymer 'PENTAETHYLENE GLYCOL'
4 non-polymer GLYCEROL
#
_entity_poly.entity_id   1
_entity_poly.type   'polypeptide(L)'
_entity_poly.pdbx_seq_one_letter_code
;MTDHVREADDANIDDLLGDLGGTARAERAKLVEWLLEQGITPDEIRATNPPLLLATRHLVGDDGTYVSAREISENYGVDL
ELLQRVQRAVGLARVDDPDAVVHMRADGEAAARAQRFVELGLNPDQVVLVVRVLAEGLSHAAEAMRYTALEAIMRPGATE
LDIAKGSQALVSQIVPLLGPMIQDMLFMQLRHMMETEAVNAGERAAGKPLPGARQVTVAFADLVGFTQLGEVVSAEELGH
LAGRLAGLARDLTAPPVWFIKTIGDAVMLVCPDPAPLLDTVLKLVEVVDTDNNFPRLRAGVASGMAVSRAGDWFGSPVNV
ASRVTGVARPGAVLVADSVREALGDAPEADGFQWSFAGPRRLRGIRGDVRLFRVRRGATRTGSGGAAQDDDLAGSSPGSR
SHHHHHH
;
_entity_poly.pdbx_strand_id   A
#
loop_
_chem_comp.id
_chem_comp.type
_chem_comp.name
_chem_comp.formula
1PE non-polymer 'PENTAETHYLENE GLYCOL' 'C10 H22 O6'
GOL non-polymer GLYCEROL 'C3 H8 O3'
SO4 non-polymer 'SULFATE ION' 'O4 S -2'
#
# COMPACT_ATOMS: atom_id res chain seq x y z
N ASP A 14 -37.89 8.58 -16.07
CA ASP A 14 -38.96 7.59 -15.78
C ASP A 14 -39.37 7.68 -14.31
N ASP A 15 -39.71 6.52 -13.73
CA ASP A 15 -39.98 6.40 -12.29
C ASP A 15 -38.68 6.54 -11.45
N LEU A 16 -37.66 7.23 -12.00
CA LEU A 16 -36.30 7.11 -11.40
C LEU A 16 -35.46 8.40 -11.23
N LEU A 17 -35.13 9.05 -12.35
CA LEU A 17 -34.23 10.22 -12.38
C LEU A 17 -34.82 11.47 -11.74
N GLY A 18 -34.89 11.47 -10.41
CA GLY A 18 -35.55 12.52 -9.64
C GLY A 18 -34.87 13.88 -9.65
N ASP A 19 -34.37 14.28 -8.48
CA ASP A 19 -33.96 15.66 -8.15
C ASP A 19 -33.15 16.51 -9.16
N LEU A 20 -32.59 15.86 -10.20
CA LEU A 20 -31.59 16.48 -11.09
C LEU A 20 -32.16 17.50 -12.10
N GLY A 21 -31.36 18.50 -12.45
CA GLY A 21 -31.83 19.57 -13.33
C GLY A 21 -30.95 19.95 -14.51
N GLY A 22 -31.60 20.13 -15.67
CA GLY A 22 -30.96 20.69 -16.85
C GLY A 22 -30.28 19.68 -17.75
N THR A 23 -29.01 19.95 -18.08
CA THR A 23 -28.20 19.01 -18.86
C THR A 23 -27.72 17.87 -17.96
N ALA A 24 -27.65 18.16 -16.66
CA ALA A 24 -27.40 17.13 -15.64
C ALA A 24 -28.44 16.02 -15.72
N ARG A 25 -29.72 16.43 -15.73
CA ARG A 25 -30.86 15.51 -15.86
C ARG A 25 -30.94 14.87 -17.25
N ALA A 26 -30.71 15.69 -18.28
CA ALA A 26 -30.78 15.25 -19.68
C ALA A 26 -29.94 14.00 -19.93
N GLU A 27 -28.65 14.10 -19.59
CA GLU A 27 -27.72 13.03 -19.85
C GLU A 27 -28.05 11.77 -19.06
N ARG A 28 -28.28 11.90 -17.76
CA ARG A 28 -28.55 10.71 -16.97
C ARG A 28 -29.64 9.85 -17.58
N ALA A 29 -30.64 10.49 -18.17
CA ALA A 29 -31.73 9.79 -18.87
C ALA A 29 -31.22 8.85 -19.96
N LYS A 30 -30.52 9.42 -20.95
CA LYS A 30 -30.00 8.69 -22.10
C LYS A 30 -29.12 7.53 -21.66
N LEU A 31 -28.29 7.79 -20.65
CA LEU A 31 -27.45 6.78 -20.04
C LEU A 31 -28.30 5.65 -19.47
N VAL A 32 -29.24 6.02 -18.61
CA VAL A 32 -30.05 5.06 -17.86
C VAL A 32 -30.73 4.08 -18.79
N GLU A 33 -31.28 4.59 -19.90
CA GLU A 33 -31.87 3.71 -20.89
C GLU A 33 -30.84 2.74 -21.48
N TRP A 34 -29.64 3.23 -21.76
CA TRP A 34 -28.58 2.39 -22.29
C TRP A 34 -28.23 1.24 -21.33
N LEU A 35 -28.55 1.41 -20.05
CA LEU A 35 -28.30 0.40 -19.01
C LEU A 35 -29.36 -0.70 -18.88
N LEU A 36 -30.64 -0.33 -18.95
CA LEU A 36 -31.72 -1.31 -18.88
C LEU A 36 -31.64 -2.26 -20.06
N GLU A 37 -30.86 -1.83 -21.05
CA GLU A 37 -30.51 -2.64 -22.21
C GLU A 37 -29.39 -3.58 -21.84
N GLN A 38 -28.41 -3.05 -21.10
CA GLN A 38 -27.30 -3.88 -20.62
C GLN A 38 -27.73 -4.84 -19.49
N GLY A 39 -29.03 -5.03 -19.32
CA GLY A 39 -29.55 -5.96 -18.30
C GLY A 39 -29.30 -5.49 -16.89
N ILE A 40 -29.64 -4.22 -16.67
CA ILE A 40 -29.53 -3.66 -15.34
C ILE A 40 -30.91 -3.25 -14.84
N THR A 41 -31.23 -3.76 -13.66
CA THR A 41 -32.52 -3.51 -13.05
C THR A 41 -32.63 -2.07 -12.59
N PRO A 42 -33.80 -1.48 -12.83
CA PRO A 42 -34.27 -0.22 -12.29
C PRO A 42 -33.97 -0.08 -10.79
N ASP A 43 -34.10 -1.17 -10.02
CA ASP A 43 -33.64 -1.14 -8.61
C ASP A 43 -32.13 -0.98 -8.63
N GLU A 44 -31.44 -1.92 -9.28
CA GLU A 44 -29.99 -1.95 -9.34
C GLU A 44 -29.36 -0.56 -9.50
N ILE A 45 -29.94 0.25 -10.42
CA ILE A 45 -29.51 1.64 -10.64
C ILE A 45 -29.72 2.48 -9.38
N ARG A 46 -30.98 2.59 -8.95
CA ARG A 46 -31.36 3.22 -7.69
C ARG A 46 -30.52 2.70 -6.49
N ALA A 47 -30.02 1.47 -6.59
CA ALA A 47 -29.25 0.82 -5.53
C ALA A 47 -27.78 1.30 -5.44
N THR A 48 -27.38 2.20 -6.34
CA THR A 48 -26.01 2.76 -6.37
C THR A 48 -25.96 4.10 -7.11
N ASN A 49 -25.39 5.13 -6.48
CA ASN A 49 -25.25 6.43 -7.16
C ASN A 49 -23.93 7.18 -6.93
N PRO A 50 -23.14 7.44 -8.01
CA PRO A 50 -23.52 7.34 -9.44
C PRO A 50 -23.64 5.89 -9.96
N PRO A 51 -24.49 5.69 -11.00
CA PRO A 51 -24.75 4.37 -11.54
C PRO A 51 -24.09 4.10 -12.90
N LEU A 52 -23.03 4.82 -13.25
CA LEU A 52 -22.42 4.67 -14.57
C LEU A 52 -21.80 3.30 -14.80
N LEU A 53 -21.08 2.86 -13.83
CA LEU A 53 -20.24 1.69 -13.98
C LEU A 53 -20.97 0.42 -13.54
N LEU A 54 -22.28 0.52 -13.34
CA LEU A 54 -23.10 -0.65 -13.11
C LEU A 54 -23.01 -1.52 -14.34
N ALA A 55 -22.85 -0.85 -15.48
CA ALA A 55 -22.53 -1.51 -16.73
C ALA A 55 -21.27 -2.35 -16.55
N THR A 56 -20.21 -1.67 -16.12
CA THR A 56 -18.87 -2.22 -16.08
C THR A 56 -18.64 -3.13 -14.87
N ARG A 57 -19.63 -3.19 -13.98
CA ARG A 57 -19.50 -4.00 -12.77
C ARG A 57 -19.95 -5.44 -13.01
N HIS A 58 -20.89 -5.62 -13.94
CA HIS A 58 -21.33 -6.94 -14.35
C HIS A 58 -20.26 -7.65 -15.19
N LEU A 59 -19.07 -7.07 -15.23
CA LEU A 59 -18.00 -7.64 -16.06
C LEU A 59 -16.95 -8.30 -15.19
N VAL A 60 -16.89 -7.85 -13.95
CA VAL A 60 -15.88 -8.32 -13.02
C VAL A 60 -16.45 -9.24 -11.94
N GLY A 61 -17.65 -9.78 -12.18
CA GLY A 61 -18.28 -10.66 -11.19
C GLY A 61 -19.78 -10.53 -11.00
N ASP A 62 -20.21 -9.46 -10.32
CA ASP A 62 -21.63 -9.19 -10.02
C ASP A 62 -22.61 -9.65 -11.11
N ASP A 63 -23.45 -10.63 -10.80
CA ASP A 63 -24.46 -11.08 -11.77
C ASP A 63 -25.83 -10.46 -11.52
N GLY A 64 -25.97 -9.80 -10.37
CA GLY A 64 -27.25 -9.26 -9.94
C GLY A 64 -27.81 -10.10 -8.82
N THR A 65 -27.29 -11.32 -8.66
CA THR A 65 -27.70 -12.19 -7.55
C THR A 65 -26.86 -11.94 -6.30
N TYR A 66 -27.54 -11.53 -5.23
CA TYR A 66 -26.95 -11.27 -3.93
C TYR A 66 -27.46 -12.38 -3.01
N VAL A 67 -26.63 -12.83 -2.05
CA VAL A 67 -26.91 -14.04 -1.26
C VAL A 67 -26.62 -13.86 0.24
N SER A 68 -27.14 -14.77 1.07
CA SER A 68 -27.06 -14.66 2.54
C SER A 68 -25.80 -15.28 3.15
N ALA A 69 -25.28 -14.64 4.20
CA ALA A 69 -24.05 -15.08 4.88
C ALA A 69 -24.07 -16.56 5.27
N ARG A 70 -25.23 -16.99 5.77
CA ARG A 70 -25.45 -18.36 6.19
C ARG A 70 -25.37 -19.32 5.02
N GLU A 71 -26.13 -19.01 3.97
CA GLU A 71 -26.29 -19.94 2.88
C GLU A 71 -25.10 -19.96 1.93
N ILE A 72 -24.15 -19.06 2.13
CA ILE A 72 -22.88 -19.20 1.43
C ILE A 72 -22.29 -20.54 1.87
N SER A 73 -22.65 -20.94 3.09
CA SER A 73 -22.19 -22.19 3.70
C SER A 73 -22.88 -23.44 3.15
N GLU A 74 -24.22 -23.46 3.14
CA GLU A 74 -24.95 -24.61 2.61
C GLU A 74 -24.47 -24.91 1.19
N ASN A 75 -24.47 -23.86 0.37
CA ASN A 75 -24.12 -23.94 -1.05
C ASN A 75 -22.71 -24.42 -1.33
N TYR A 76 -21.72 -23.66 -0.83
CA TYR A 76 -20.29 -23.90 -1.15
C TYR A 76 -19.54 -24.87 -0.25
N GLY A 77 -19.86 -24.84 1.06
CA GLY A 77 -19.42 -25.91 1.97
C GLY A 77 -18.35 -25.52 2.97
N VAL A 78 -18.46 -24.32 3.50
CA VAL A 78 -17.49 -23.79 4.46
C VAL A 78 -18.21 -23.62 5.81
N ASP A 79 -17.45 -23.58 6.91
CA ASP A 79 -18.01 -23.30 8.22
C ASP A 79 -18.41 -21.84 8.32
N LEU A 80 -19.60 -21.61 8.89
CA LEU A 80 -20.14 -20.26 9.06
C LEU A 80 -19.28 -19.28 9.88
N GLU A 81 -18.75 -19.74 11.01
CA GLU A 81 -17.97 -18.85 11.88
C GLU A 81 -16.66 -18.44 11.23
N LEU A 82 -16.03 -19.36 10.52
CA LEU A 82 -14.82 -19.06 9.78
C LEU A 82 -15.12 -18.15 8.59
N LEU A 83 -16.15 -18.50 7.80
CA LEU A 83 -16.60 -17.63 6.74
C LEU A 83 -16.77 -16.19 7.25
N GLN A 84 -17.58 -16.03 8.29
CA GLN A 84 -17.86 -14.72 8.87
C GLN A 84 -16.58 -13.93 9.18
N ARG A 85 -15.54 -14.59 9.68
CA ARG A 85 -14.32 -13.87 10.06
C ARG A 85 -13.36 -13.57 8.91
N VAL A 86 -13.62 -14.14 7.74
CA VAL A 86 -12.84 -13.74 6.56
C VAL A 86 -13.59 -12.62 5.87
N GLN A 87 -14.93 -12.72 5.86
CA GLN A 87 -15.78 -11.66 5.34
C GLN A 87 -15.45 -10.35 6.06
N ARG A 88 -15.16 -10.43 7.36
CA ARG A 88 -14.71 -9.23 8.07
C ARG A 88 -13.23 -8.92 7.80
N ALA A 89 -12.42 -9.95 7.59
CA ALA A 89 -11.00 -9.76 7.30
C ALA A 89 -10.74 -9.23 5.89
N VAL A 90 -11.67 -9.54 4.98
CA VAL A 90 -11.58 -9.10 3.59
C VAL A 90 -11.34 -7.59 3.47
N GLY A 91 -11.87 -6.87 4.44
CA GLY A 91 -11.75 -5.42 4.49
C GLY A 91 -13.13 -4.82 4.26
N LEU A 92 -14.16 -5.67 4.29
CA LEU A 92 -15.45 -5.21 3.80
C LEU A 92 -16.72 -5.53 4.57
N ALA A 93 -17.78 -5.60 3.77
CA ALA A 93 -19.14 -5.26 4.19
C ALA A 93 -19.63 -6.10 5.35
N ARG A 94 -19.34 -5.60 6.55
CA ARG A 94 -19.56 -6.29 7.78
C ARG A 94 -21.05 -6.40 8.07
N VAL A 95 -21.58 -7.60 7.90
CA VAL A 95 -22.87 -7.94 8.51
C VAL A 95 -22.56 -8.85 9.69
N ASP A 96 -23.48 -8.90 10.63
CA ASP A 96 -23.35 -9.74 11.80
C ASP A 96 -24.17 -11.00 11.59
N ASP A 97 -25.36 -10.79 11.01
CA ASP A 97 -26.40 -11.79 10.96
C ASP A 97 -26.38 -12.61 9.67
N PRO A 98 -26.24 -13.94 9.82
CA PRO A 98 -26.12 -14.95 8.78
C PRO A 98 -27.32 -14.96 7.82
N ASP A 99 -28.53 -14.93 8.37
CA ASP A 99 -29.77 -15.13 7.63
C ASP A 99 -30.04 -14.06 6.58
N ALA A 100 -29.48 -12.86 6.80
CA ALA A 100 -29.63 -11.72 5.88
C ALA A 100 -29.27 -12.16 4.46
N VAL A 101 -29.78 -11.46 3.45
CA VAL A 101 -29.44 -11.79 2.08
C VAL A 101 -28.66 -10.65 1.43
N VAL A 102 -27.74 -10.04 2.18
CA VAL A 102 -27.06 -8.85 1.65
C VAL A 102 -25.88 -9.21 0.71
N HIS A 103 -24.95 -10.05 1.19
CA HIS A 103 -23.69 -10.36 0.48
C HIS A 103 -23.93 -10.72 -0.98
N MET A 104 -23.15 -10.17 -1.89
CA MET A 104 -23.36 -10.54 -3.29
C MET A 104 -22.63 -11.83 -3.62
N ARG A 105 -23.34 -12.69 -4.35
CA ARG A 105 -22.99 -14.11 -4.51
C ARG A 105 -21.54 -14.37 -4.77
N ALA A 106 -20.96 -13.66 -5.72
CA ALA A 106 -19.58 -13.89 -6.11
C ALA A 106 -18.57 -13.62 -4.99
N ASP A 107 -18.88 -12.69 -4.08
CA ASP A 107 -18.05 -12.48 -2.90
C ASP A 107 -18.18 -13.62 -1.89
N GLY A 108 -19.19 -14.46 -2.06
CA GLY A 108 -19.35 -15.63 -1.23
C GLY A 108 -18.33 -16.65 -1.68
N GLU A 109 -18.49 -17.13 -2.91
CA GLU A 109 -17.61 -18.14 -3.49
C GLU A 109 -16.12 -17.83 -3.31
N ALA A 110 -15.79 -16.54 -3.29
CA ALA A 110 -14.42 -16.11 -3.03
C ALA A 110 -14.01 -16.38 -1.58
N ALA A 111 -14.92 -16.12 -0.64
CA ALA A 111 -14.65 -16.32 0.79
C ALA A 111 -14.70 -17.80 1.21
N ALA A 112 -15.49 -18.59 0.48
CA ALA A 112 -15.59 -20.03 0.68
C ALA A 112 -14.29 -20.73 0.36
N ARG A 113 -13.40 -20.05 -0.38
CA ARG A 113 -12.13 -20.62 -0.76
C ARG A 113 -11.15 -20.78 0.37
N ALA A 114 -11.44 -20.14 1.51
CA ALA A 114 -10.57 -20.20 2.70
C ALA A 114 -10.53 -21.57 3.39
N GLN A 115 -11.62 -22.34 3.25
CA GLN A 115 -11.77 -23.59 3.99
C GLN A 115 -10.74 -24.63 3.61
N ARG A 116 -10.56 -24.87 2.32
CA ARG A 116 -9.59 -25.87 1.86
C ARG A 116 -8.20 -25.64 2.43
N PHE A 117 -7.84 -24.38 2.67
CA PHE A 117 -6.55 -24.02 3.28
C PHE A 117 -6.41 -24.50 4.73
N VAL A 118 -7.45 -24.29 5.54
CA VAL A 118 -7.47 -24.81 6.92
C VAL A 118 -7.48 -26.33 6.86
N GLU A 119 -8.41 -26.87 6.07
CA GLU A 119 -8.50 -28.30 5.82
C GLU A 119 -7.16 -28.98 5.50
N LEU A 120 -6.24 -28.24 4.89
CA LEU A 120 -4.94 -28.78 4.53
C LEU A 120 -3.90 -28.69 5.65
N GLY A 121 -4.32 -28.18 6.80
CA GLY A 121 -3.46 -28.16 7.99
C GLY A 121 -2.98 -26.78 8.40
N LEU A 122 -3.63 -25.74 7.90
CA LEU A 122 -3.22 -24.36 8.17
C LEU A 122 -3.98 -23.70 9.30
N ASN A 123 -3.26 -22.93 10.09
CA ASN A 123 -3.87 -22.19 11.18
C ASN A 123 -4.96 -21.28 10.64
N PRO A 124 -6.22 -21.48 11.09
CA PRO A 124 -7.34 -20.67 10.64
C PRO A 124 -7.14 -19.19 10.95
N ASP A 125 -6.20 -18.90 11.85
CA ASP A 125 -5.84 -17.53 12.19
C ASP A 125 -4.72 -17.00 11.30
N GLN A 126 -3.79 -17.85 10.94
CA GLN A 126 -2.81 -17.48 9.90
C GLN A 126 -3.48 -17.35 8.54
N VAL A 127 -4.41 -18.26 8.26
CA VAL A 127 -5.21 -18.19 7.06
C VAL A 127 -5.98 -16.86 6.96
N VAL A 128 -6.49 -16.36 8.07
CA VAL A 128 -7.22 -15.08 8.10
C VAL A 128 -6.31 -13.87 7.87
N LEU A 129 -5.08 -13.95 8.40
CA LEU A 129 -4.07 -12.93 8.16
C LEU A 129 -3.76 -12.74 6.67
N VAL A 130 -3.57 -13.83 5.94
CA VAL A 130 -3.35 -13.75 4.49
C VAL A 130 -4.59 -13.12 3.86
N VAL A 131 -5.75 -13.69 4.12
CA VAL A 131 -7.00 -13.13 3.65
C VAL A 131 -7.13 -11.63 3.89
N ARG A 132 -6.62 -11.15 5.02
CA ARG A 132 -6.63 -9.70 5.29
C ARG A 132 -5.54 -8.93 4.54
N VAL A 133 -4.28 -9.16 4.88
CA VAL A 133 -3.15 -8.48 4.24
C VAL A 133 -3.31 -8.43 2.73
N LEU A 134 -3.82 -9.52 2.16
CA LEU A 134 -4.05 -9.63 0.73
C LEU A 134 -5.08 -8.62 0.27
N ALA A 135 -6.21 -8.58 0.97
CA ALA A 135 -7.31 -7.72 0.56
C ALA A 135 -7.10 -6.24 0.91
N GLU A 136 -5.99 -5.91 1.57
CA GLU A 136 -5.65 -4.52 1.81
C GLU A 136 -4.69 -4.04 0.74
N GLY A 137 -3.65 -4.85 0.49
CA GLY A 137 -2.72 -4.60 -0.61
C GLY A 137 -3.39 -4.67 -1.98
N LEU A 138 -4.49 -5.43 -2.07
CA LEU A 138 -5.26 -5.54 -3.32
C LEU A 138 -6.30 -4.44 -3.51
N SER A 139 -6.85 -3.92 -2.42
CA SER A 139 -7.74 -2.77 -2.54
C SER A 139 -6.92 -1.59 -3.03
N HIS A 140 -5.67 -1.50 -2.58
CA HIS A 140 -4.79 -0.41 -2.97
C HIS A 140 -4.42 -0.49 -4.46
N ALA A 141 -4.49 -1.69 -5.02
CA ALA A 141 -4.27 -1.91 -6.44
C ALA A 141 -5.54 -1.59 -7.22
N ALA A 142 -6.67 -2.05 -6.72
CA ALA A 142 -7.98 -1.72 -7.29
C ALA A 142 -8.18 -0.21 -7.49
N GLU A 143 -7.44 0.60 -6.73
CA GLU A 143 -7.43 2.05 -6.96
C GLU A 143 -6.65 2.41 -8.21
N ALA A 144 -5.44 1.88 -8.31
CA ALA A 144 -4.56 2.14 -9.45
C ALA A 144 -5.14 1.57 -10.74
N MET A 145 -6.00 0.56 -10.62
CA MET A 145 -6.61 -0.05 -11.79
C MET A 145 -7.85 0.72 -12.22
N ARG A 146 -8.74 0.98 -11.27
CA ARG A 146 -9.95 1.76 -11.52
C ARG A 146 -9.61 3.09 -12.19
N TYR A 147 -8.51 3.69 -11.75
CA TYR A 147 -8.05 4.96 -12.28
C TYR A 147 -7.23 4.85 -13.58
N THR A 148 -6.39 3.83 -13.69
CA THR A 148 -5.63 3.60 -14.93
C THR A 148 -6.57 3.52 -16.14
N ALA A 149 -7.75 2.95 -15.91
CA ALA A 149 -8.77 2.83 -16.93
C ALA A 149 -9.25 4.19 -17.39
N LEU A 150 -9.33 5.14 -16.46
CA LEU A 150 -9.99 6.41 -16.72
C LEU A 150 -9.13 7.45 -17.45
N GLU A 151 -7.83 7.49 -17.12
CA GLU A 151 -6.87 8.25 -17.92
C GLU A 151 -7.07 7.97 -19.41
N ALA A 152 -7.40 6.72 -19.72
CA ALA A 152 -7.54 6.25 -21.10
C ALA A 152 -8.94 6.44 -21.66
N ILE A 153 -9.93 6.71 -20.83
CA ILE A 153 -11.25 7.05 -21.35
C ILE A 153 -11.48 8.55 -21.27
N MET A 154 -11.56 9.06 -20.03
CA MET A 154 -12.05 10.40 -19.76
C MET A 154 -11.22 11.53 -20.31
N ARG A 155 -11.80 12.25 -21.26
CA ARG A 155 -11.38 13.60 -21.56
C ARG A 155 -12.50 14.49 -21.03
N PRO A 156 -12.19 15.76 -20.68
CA PRO A 156 -13.23 16.73 -20.37
C PRO A 156 -14.40 16.72 -21.36
N GLY A 157 -15.44 17.46 -20.98
CA GLY A 157 -16.63 17.61 -21.80
C GLY A 157 -17.42 16.32 -22.01
N ALA A 158 -17.36 15.39 -21.06
CA ALA A 158 -18.04 14.11 -21.34
C ALA A 158 -19.28 13.78 -20.52
N THR A 159 -20.23 13.25 -21.28
CA THR A 159 -21.52 12.79 -20.85
C THR A 159 -21.37 11.48 -20.10
N GLU A 160 -22.25 11.26 -19.13
CA GLU A 160 -22.29 10.03 -18.35
C GLU A 160 -22.27 8.79 -19.25
N LEU A 161 -23.04 8.80 -20.34
CA LEU A 161 -23.08 7.67 -21.28
C LEU A 161 -21.79 7.51 -22.06
N ASP A 162 -21.12 8.62 -22.34
CA ASP A 162 -19.83 8.57 -23.04
C ASP A 162 -18.80 7.73 -22.29
N ILE A 163 -18.77 7.87 -20.97
CA ILE A 163 -17.81 7.17 -20.15
C ILE A 163 -18.17 5.70 -20.03
N ALA A 164 -19.41 5.44 -19.63
CA ALA A 164 -19.92 4.09 -19.52
C ALA A 164 -19.56 3.29 -20.77
N LYS A 165 -20.06 3.72 -21.93
CA LYS A 165 -19.79 3.07 -23.23
C LYS A 165 -18.31 2.75 -23.46
N GLY A 166 -17.44 3.74 -23.26
CA GLY A 166 -16.00 3.60 -23.48
C GLY A 166 -15.31 2.71 -22.46
N SER A 167 -15.64 2.95 -21.19
CA SER A 167 -15.26 2.05 -20.11
C SER A 167 -15.71 0.62 -20.42
N GLN A 168 -17.02 0.45 -20.52
CA GLN A 168 -17.65 -0.82 -20.85
C GLN A 168 -16.89 -1.61 -21.90
N ALA A 169 -16.47 -0.95 -22.97
CA ALA A 169 -15.74 -1.66 -24.03
C ALA A 169 -14.34 -2.01 -23.59
N LEU A 170 -13.69 -1.09 -22.89
CA LEU A 170 -12.30 -1.23 -22.49
C LEU A 170 -12.06 -2.37 -21.50
N VAL A 171 -12.73 -2.29 -20.36
CA VAL A 171 -12.63 -3.29 -19.29
C VAL A 171 -12.84 -4.70 -19.86
N SER A 172 -13.91 -4.85 -20.63
CA SER A 172 -14.28 -6.12 -21.24
C SER A 172 -13.21 -6.61 -22.22
N GLN A 173 -12.07 -5.93 -22.27
CA GLN A 173 -10.95 -6.40 -23.07
C GLN A 173 -9.73 -6.65 -22.20
N ILE A 174 -9.59 -5.87 -21.14
CA ILE A 174 -8.46 -6.03 -20.25
C ILE A 174 -8.81 -6.96 -19.07
N VAL A 175 -10.06 -7.42 -19.02
CA VAL A 175 -10.51 -8.29 -17.92
C VAL A 175 -9.93 -9.70 -17.97
N PRO A 176 -9.98 -10.37 -19.15
CA PRO A 176 -9.40 -11.72 -19.21
C PRO A 176 -7.89 -11.68 -18.97
N LEU A 177 -7.31 -10.49 -19.09
CA LEU A 177 -5.87 -10.30 -18.90
C LEU A 177 -5.46 -10.34 -17.43
N LEU A 178 -6.36 -9.96 -16.53
CA LEU A 178 -6.02 -9.83 -15.11
C LEU A 178 -5.88 -11.17 -14.36
N GLY A 179 -6.82 -12.08 -14.56
CA GLY A 179 -6.76 -13.38 -13.91
C GLY A 179 -5.38 -14.01 -13.98
N PRO A 180 -4.90 -14.29 -15.21
CA PRO A 180 -3.60 -14.90 -15.41
C PRO A 180 -2.47 -13.96 -15.02
N MET A 181 -2.66 -12.66 -15.22
CA MET A 181 -1.59 -11.71 -14.95
C MET A 181 -1.21 -11.69 -13.45
N ILE A 182 -2.22 -11.64 -12.58
CA ILE A 182 -1.95 -11.50 -11.15
C ILE A 182 -1.38 -12.78 -10.52
N GLN A 183 -1.81 -13.93 -11.02
CA GLN A 183 -1.30 -15.20 -10.54
C GLN A 183 0.19 -15.22 -10.72
N ASP A 184 0.61 -14.96 -11.96
CA ASP A 184 2.02 -14.86 -12.32
C ASP A 184 2.76 -13.89 -11.42
N MET A 185 2.08 -12.81 -11.05
CA MET A 185 2.61 -11.75 -10.18
C MET A 185 2.83 -12.18 -8.74
N LEU A 186 1.98 -13.09 -8.27
CA LEU A 186 2.07 -13.61 -6.91
C LEU A 186 3.23 -14.57 -6.79
N PHE A 187 3.25 -15.58 -7.67
CA PHE A 187 4.33 -16.55 -7.73
C PHE A 187 5.68 -15.90 -7.92
N MET A 188 5.72 -14.83 -8.70
CA MET A 188 6.97 -14.10 -8.89
C MET A 188 7.45 -13.52 -7.57
N GLN A 189 6.54 -12.89 -6.83
CA GLN A 189 6.84 -12.31 -5.55
C GLN A 189 7.06 -13.38 -4.51
N LEU A 190 6.50 -14.56 -4.77
CA LEU A 190 6.56 -15.70 -3.86
C LEU A 190 7.88 -16.43 -3.98
N ARG A 191 8.33 -16.65 -5.22
CA ARG A 191 9.51 -17.46 -5.48
C ARG A 191 10.79 -16.64 -5.20
N HIS A 192 10.59 -15.33 -5.17
CA HIS A 192 11.65 -14.38 -4.90
C HIS A 192 11.58 -13.87 -3.52
N MET A 193 10.56 -14.25 -2.78
CA MET A 193 10.50 -13.87 -1.38
C MET A 193 11.94 -14.04 -0.91
N MET A 194 12.51 -12.93 -0.42
CA MET A 194 13.96 -12.70 -0.50
C MET A 194 14.85 -13.08 0.69
N GLU A 195 15.81 -12.21 0.98
CA GLU A 195 17.05 -12.58 1.67
C GLU A 195 17.03 -12.68 3.19
N THR A 196 16.52 -11.62 3.89
CA THR A 196 16.50 -11.74 5.36
C THR A 196 15.20 -12.36 5.84
N GLU A 197 14.34 -12.72 4.90
CA GLU A 197 13.17 -13.55 5.21
C GLU A 197 13.67 -14.77 5.98
N ALA A 198 14.89 -15.20 5.65
CA ALA A 198 15.50 -16.42 6.16
C ALA A 198 15.42 -16.56 7.67
N VAL A 199 15.26 -17.80 8.11
CA VAL A 199 15.30 -18.12 9.52
C VAL A 199 16.51 -19.02 9.68
N ASN A 200 17.59 -18.56 10.31
CA ASN A 200 18.66 -19.53 10.46
C ASN A 200 18.60 -20.37 11.73
N ALA A 201 19.69 -21.09 11.98
CA ALA A 201 19.74 -22.17 12.97
C ALA A 201 19.13 -21.78 14.31
N GLY A 202 19.59 -20.67 14.86
CA GLY A 202 19.08 -20.16 16.13
C GLY A 202 17.57 -19.97 16.14
N GLU A 203 17.05 -19.47 15.03
CA GLU A 203 15.61 -19.23 14.91
C GLU A 203 14.87 -20.52 14.45
N ARG A 204 15.61 -21.49 13.94
CA ARG A 204 15.04 -22.75 13.44
C ARG A 204 15.00 -23.83 14.53
N ALA A 205 16.06 -23.88 15.34
CA ALA A 205 16.11 -24.74 16.53
C ALA A 205 15.03 -24.31 17.53
N ALA A 206 14.89 -23.01 17.72
CA ALA A 206 13.88 -22.46 18.64
C ALA A 206 12.44 -22.81 18.20
N GLY A 207 12.31 -23.27 16.96
CA GLY A 207 11.03 -23.64 16.41
C GLY A 207 10.16 -22.43 16.08
N LYS A 208 10.81 -21.32 15.75
CA LYS A 208 10.09 -20.10 15.40
C LYS A 208 9.81 -20.01 13.90
N PRO A 209 8.52 -19.88 13.53
CA PRO A 209 8.08 -19.83 12.13
C PRO A 209 8.36 -18.48 11.46
N LEU A 210 8.33 -17.42 12.25
CA LEU A 210 8.75 -16.09 11.81
C LEU A 210 10.26 -16.01 11.92
N PRO A 211 10.86 -14.86 11.46
CA PRO A 211 12.17 -14.49 11.94
C PRO A 211 12.06 -13.51 13.09
N GLY A 212 13.07 -13.49 13.94
CA GLY A 212 13.09 -12.55 15.06
C GLY A 212 14.01 -11.40 14.71
N ALA A 213 14.41 -10.62 15.71
CA ALA A 213 15.15 -9.39 15.48
C ALA A 213 16.42 -9.58 14.64
N ARG A 214 16.54 -8.84 13.60
CA ARG A 214 17.70 -8.82 12.73
C ARG A 214 18.43 -7.51 12.90
N GLN A 215 19.74 -7.55 12.63
CA GLN A 215 20.57 -6.38 12.80
C GLN A 215 20.61 -5.61 11.48
N VAL A 216 20.01 -4.42 11.51
CA VAL A 216 19.77 -3.63 10.30
C VAL A 216 19.99 -2.15 10.53
N THR A 217 20.29 -1.46 9.45
CA THR A 217 20.28 0.00 9.44
C THR A 217 18.94 0.43 8.86
N VAL A 218 18.25 1.33 9.55
CA VAL A 218 17.01 1.91 9.06
C VAL A 218 17.13 3.43 8.95
N ALA A 219 16.53 3.99 7.89
CA ALA A 219 16.60 5.42 7.64
C ALA A 219 15.28 6.04 7.17
N PHE A 220 15.07 7.29 7.55
CA PHE A 220 13.92 8.07 7.12
C PHE A 220 14.37 9.34 6.41
N ALA A 221 13.72 9.66 5.29
CA ALA A 221 13.92 10.96 4.63
C ALA A 221 12.58 11.65 4.47
N ASP A 222 12.53 12.93 4.84
CA ASP A 222 11.27 13.66 4.91
C ASP A 222 11.37 15.14 4.50
N LEU A 223 10.35 15.63 3.84
CA LEU A 223 10.38 16.97 3.24
C LEU A 223 10.12 18.04 4.28
N VAL A 224 10.91 19.10 4.23
CA VAL A 224 10.93 20.14 5.26
C VAL A 224 9.77 21.11 5.10
N GLY A 225 9.03 21.36 6.18
CA GLY A 225 7.93 22.33 6.16
C GLY A 225 6.64 21.85 5.51
N PHE A 226 6.66 20.61 5.01
CA PHE A 226 5.49 19.99 4.39
C PHE A 226 4.12 20.29 5.06
N THR A 227 4.13 20.55 6.36
CA THR A 227 2.90 20.59 7.12
C THR A 227 2.16 21.92 7.09
N GLN A 228 2.84 22.99 6.67
CA GLN A 228 2.10 24.22 6.37
C GLN A 228 2.31 24.62 4.92
N LEU A 229 2.97 23.73 4.19
CA LEU A 229 2.95 23.77 2.75
C LEU A 229 1.52 23.52 2.27
N GLY A 230 0.89 22.49 2.83
CA GLY A 230 -0.50 22.12 2.50
C GLY A 230 -1.55 23.04 3.11
N GLU A 231 -1.12 23.90 4.03
CA GLU A 231 -1.98 24.94 4.55
C GLU A 231 -1.98 26.13 3.60
N VAL A 232 -1.22 26.01 2.52
CA VAL A 232 -1.18 27.02 1.47
C VAL A 232 -1.53 26.37 0.13
N VAL A 233 -0.72 25.42 -0.32
CA VAL A 233 -0.98 24.66 -1.53
C VAL A 233 -2.20 23.74 -1.31
N SER A 234 -2.80 23.20 -2.37
CA SER A 234 -4.00 22.35 -2.24
C SER A 234 -3.67 20.90 -1.90
N ALA A 235 -4.67 20.17 -1.38
CA ALA A 235 -4.52 18.76 -1.07
C ALA A 235 -3.96 17.99 -2.26
N GLU A 236 -4.61 18.08 -3.42
CA GLU A 236 -4.09 17.37 -4.61
C GLU A 236 -2.70 17.83 -5.06
N GLU A 237 -2.36 19.11 -4.88
CA GLU A 237 -1.00 19.58 -5.17
C GLU A 237 0.01 18.89 -4.26
N LEU A 238 -0.11 19.17 -2.97
CA LEU A 238 0.59 18.46 -1.90
C LEU A 238 0.66 16.94 -2.08
N GLY A 239 -0.50 16.31 -2.30
CA GLY A 239 -0.57 14.87 -2.49
C GLY A 239 0.34 14.41 -3.60
N HIS A 240 0.12 14.97 -4.78
CA HIS A 240 0.96 14.74 -5.94
C HIS A 240 2.44 15.02 -5.65
N LEU A 241 2.72 16.17 -5.05
CA LEU A 241 4.08 16.51 -4.64
C LEU A 241 4.80 15.40 -3.87
N ALA A 242 4.17 14.92 -2.80
CA ALA A 242 4.71 13.81 -2.04
C ALA A 242 4.87 12.57 -2.92
N GLY A 243 3.83 12.26 -3.70
CA GLY A 243 3.87 11.14 -4.64
C GLY A 243 5.05 11.15 -5.59
N ARG A 244 5.45 12.33 -6.06
CA ARG A 244 6.65 12.47 -6.91
C ARG A 244 7.86 11.92 -6.17
N LEU A 245 8.14 12.46 -4.98
CA LEU A 245 9.25 12.00 -4.15
C LEU A 245 9.20 10.51 -3.83
N ALA A 246 7.99 9.98 -3.63
CA ALA A 246 7.83 8.56 -3.35
C ALA A 246 8.46 7.73 -4.47
N GLY A 247 7.94 7.86 -5.67
CA GLY A 247 8.55 7.26 -6.85
C GLY A 247 9.96 7.74 -7.17
N LEU A 248 10.33 8.93 -6.71
CA LEU A 248 11.69 9.40 -6.92
C LEU A 248 12.65 8.49 -6.14
N ALA A 249 12.26 8.21 -4.90
CA ALA A 249 12.99 7.31 -4.02
C ALA A 249 12.91 5.88 -4.52
N ARG A 250 11.74 5.50 -5.04
CA ARG A 250 11.46 4.10 -5.38
C ARG A 250 12.37 3.55 -6.48
N ASP A 251 13.17 4.41 -7.09
CA ASP A 251 14.02 3.95 -8.19
C ASP A 251 15.49 4.32 -8.02
N LEU A 252 15.85 4.91 -6.89
CA LEU A 252 17.25 4.97 -6.50
C LEU A 252 17.59 3.80 -5.58
N THR A 253 16.56 3.30 -4.92
CA THR A 253 16.65 2.09 -4.10
C THR A 253 16.62 0.86 -5.01
N ALA A 254 17.65 0.04 -4.90
CA ALA A 254 17.71 -1.23 -5.61
C ALA A 254 18.42 -2.22 -4.69
N PRO A 255 17.82 -3.40 -4.47
CA PRO A 255 18.43 -4.48 -3.71
C PRO A 255 19.97 -4.44 -3.82
N PRO A 256 20.66 -4.46 -2.67
CA PRO A 256 20.26 -4.87 -1.30
C PRO A 256 19.46 -3.94 -0.36
N VAL A 257 18.97 -2.77 -0.80
CA VAL A 257 18.18 -1.95 0.14
C VAL A 257 16.68 -2.08 -0.15
N TRP A 258 15.88 -2.00 0.91
CA TRP A 258 14.43 -2.03 0.75
C TRP A 258 13.79 -0.71 1.04
N PHE A 259 13.01 -0.26 0.08
CA PHE A 259 12.08 0.82 0.25
C PHE A 259 10.87 0.17 0.89
N ILE A 260 10.68 0.41 2.18
CA ILE A 260 9.68 -0.36 2.91
C ILE A 260 8.29 0.26 2.75
N LYS A 261 8.20 1.57 2.98
CA LYS A 261 6.95 2.30 2.84
C LYS A 261 7.17 3.80 2.78
N THR A 262 6.12 4.52 2.46
CA THR A 262 6.09 5.95 2.69
C THR A 262 5.15 6.18 3.85
N ILE A 263 5.32 7.28 4.57
CA ILE A 263 4.30 7.73 5.50
C ILE A 263 3.90 9.13 5.04
N GLY A 264 3.09 9.18 3.98
CA GLY A 264 2.72 10.45 3.34
C GLY A 264 3.94 11.22 2.83
N ASP A 265 4.40 12.19 3.62
CA ASP A 265 5.50 13.05 3.18
C ASP A 265 6.85 12.36 3.29
N ALA A 266 7.00 11.51 4.30
CA ALA A 266 8.28 10.86 4.60
C ALA A 266 8.46 9.51 3.91
N VAL A 267 9.73 9.14 3.71
CA VAL A 267 10.07 7.81 3.19
C VAL A 267 10.98 7.03 4.14
N MET A 268 10.64 5.75 4.32
CA MET A 268 11.36 4.87 5.23
C MET A 268 12.03 3.75 4.48
N LEU A 269 13.35 3.74 4.51
CA LEU A 269 14.12 2.66 3.92
C LEU A 269 15.08 2.03 4.90
N VAL A 270 15.26 0.71 4.74
CA VAL A 270 15.92 -0.13 5.71
C VAL A 270 16.72 -1.22 4.99
N CYS A 271 18.01 -1.33 5.31
CA CYS A 271 18.79 -2.44 4.80
C CYS A 271 19.80 -2.97 5.84
N PRO A 272 20.24 -4.24 5.67
CA PRO A 272 21.07 -4.95 6.64
C PRO A 272 22.36 -4.21 6.96
N ASP A 273 23.06 -3.75 5.92
CA ASP A 273 24.32 -3.05 6.11
C ASP A 273 24.23 -1.62 5.62
N PRO A 274 24.99 -0.73 6.25
CA PRO A 274 24.73 0.68 6.06
C PRO A 274 25.07 1.20 4.66
N ALA A 275 26.32 1.05 4.20
CA ALA A 275 26.75 1.65 2.93
C ALA A 275 25.62 1.82 1.89
N PRO A 276 25.09 0.71 1.34
CA PRO A 276 23.95 0.76 0.42
C PRO A 276 22.85 1.75 0.82
N LEU A 277 22.22 1.52 1.96
CA LEU A 277 21.24 2.46 2.49
C LEU A 277 21.84 3.86 2.65
N LEU A 278 22.92 3.94 3.42
CA LEU A 278 23.59 5.20 3.73
C LEU A 278 23.83 6.08 2.49
N ASP A 279 24.22 5.45 1.40
CA ASP A 279 24.46 6.23 0.18
C ASP A 279 23.12 6.58 -0.49
N THR A 280 22.20 5.62 -0.55
CA THR A 280 20.90 5.81 -1.22
C THR A 280 20.17 7.00 -0.62
N VAL A 281 20.15 7.09 0.71
CA VAL A 281 19.60 8.28 1.33
C VAL A 281 20.42 9.52 0.90
N LEU A 282 21.74 9.45 1.00
CA LEU A 282 22.61 10.56 0.58
C LEU A 282 22.33 11.06 -0.84
N LYS A 283 22.21 10.11 -1.76
CA LYS A 283 21.97 10.44 -3.16
C LYS A 283 20.62 11.12 -3.32
N LEU A 284 19.60 10.57 -2.67
CA LEU A 284 18.25 11.08 -2.78
C LEU A 284 18.10 12.49 -2.23
N VAL A 285 18.61 12.74 -1.03
CA VAL A 285 18.53 14.09 -0.47
C VAL A 285 19.31 15.07 -1.33
N GLU A 286 20.34 14.59 -2.00
CA GLU A 286 21.09 15.48 -2.87
C GLU A 286 20.35 15.73 -4.18
N VAL A 287 19.75 14.68 -4.75
CA VAL A 287 18.83 14.85 -5.88
C VAL A 287 17.76 15.88 -5.53
N VAL A 288 16.95 15.60 -4.50
CA VAL A 288 15.93 16.57 -4.09
C VAL A 288 16.49 18.00 -3.98
N ASP A 289 17.69 18.14 -3.41
CA ASP A 289 18.32 19.47 -3.36
C ASP A 289 18.52 20.10 -4.74
N THR A 290 18.51 19.29 -5.81
CA THR A 290 18.45 19.83 -7.18
C THR A 290 17.04 20.28 -7.62
N ASP A 291 16.08 19.35 -7.62
CA ASP A 291 14.72 19.59 -8.14
C ASP A 291 13.90 20.62 -7.32
N ASN A 292 13.34 21.62 -7.98
CA ASN A 292 12.86 22.78 -7.26
C ASN A 292 11.38 22.86 -6.90
N ASN A 293 10.64 21.77 -7.17
CA ASN A 293 9.25 21.70 -6.72
C ASN A 293 9.24 21.37 -5.24
N PHE A 294 10.19 20.53 -4.82
CA PHE A 294 10.32 20.13 -3.43
C PHE A 294 10.92 21.21 -2.56
N PRO A 295 10.49 21.26 -1.29
CA PRO A 295 11.35 21.86 -0.28
C PRO A 295 12.35 20.77 0.02
N ARG A 296 13.51 21.12 0.59
CA ARG A 296 14.55 20.10 0.66
C ARG A 296 14.37 19.07 1.76
N LEU A 297 15.02 17.93 1.57
CA LEU A 297 14.93 16.81 2.50
C LEU A 297 15.88 16.90 3.67
N ARG A 298 15.47 16.27 4.75
CA ARG A 298 16.36 15.91 5.82
C ARG A 298 16.23 14.41 5.93
N ALA A 299 17.31 13.75 6.33
CA ALA A 299 17.23 12.33 6.61
C ALA A 299 17.83 12.00 7.96
N GLY A 300 17.28 10.97 8.60
CA GLY A 300 17.84 10.44 9.83
C GLY A 300 18.14 8.96 9.63
N VAL A 301 19.27 8.50 10.18
CA VAL A 301 19.68 7.11 10.04
C VAL A 301 20.09 6.48 11.37
N ALA A 302 19.62 5.26 11.63
CA ALA A 302 20.03 4.51 12.82
C ALA A 302 20.19 3.03 12.51
N SER A 303 20.92 2.33 13.37
CA SER A 303 21.24 0.92 13.15
C SER A 303 21.03 0.07 14.40
N GLY A 304 20.53 -1.15 14.22
CA GLY A 304 20.37 -2.05 15.34
C GLY A 304 19.41 -3.22 15.16
N MET A 305 18.78 -3.58 16.26
CA MET A 305 17.95 -4.77 16.35
C MET A 305 16.48 -4.49 15.99
N ALA A 306 15.98 -5.11 14.92
CA ALA A 306 14.60 -4.88 14.48
C ALA A 306 13.94 -6.09 13.82
N VAL A 307 12.63 -6.18 13.98
CA VAL A 307 11.87 -7.29 13.46
C VAL A 307 10.92 -6.77 12.37
N SER A 308 10.80 -7.54 11.29
CA SER A 308 9.93 -7.17 10.20
C SER A 308 8.60 -7.91 10.37
N ARG A 309 7.50 -7.18 10.46
CA ARG A 309 6.21 -7.88 10.54
C ARG A 309 5.28 -7.48 9.38
N ALA A 310 5.41 -8.21 8.27
CA ALA A 310 4.65 -7.98 7.02
C ALA A 310 4.68 -6.52 6.54
N GLY A 311 5.86 -6.07 6.13
CA GLY A 311 6.01 -4.75 5.53
C GLY A 311 6.34 -3.59 6.46
N ASP A 312 6.11 -3.74 7.75
CA ASP A 312 6.55 -2.72 8.70
C ASP A 312 7.71 -3.26 9.53
N TRP A 313 8.55 -2.35 10.03
CA TRP A 313 9.62 -2.72 10.92
C TRP A 313 9.42 -2.13 12.30
N PHE A 314 9.63 -2.96 13.31
CA PHE A 314 9.59 -2.50 14.69
C PHE A 314 10.89 -2.87 15.33
N GLY A 315 11.22 -2.16 16.39
CA GLY A 315 12.52 -2.26 17.03
C GLY A 315 12.90 -0.85 17.34
N SER A 316 14.06 -0.74 18.01
CA SER A 316 14.55 0.56 18.45
C SER A 316 15.38 1.38 17.42
N PRO A 317 16.08 0.74 16.47
CA PRO A 317 16.58 1.53 15.33
C PRO A 317 15.53 2.47 14.74
N VAL A 318 14.41 1.93 14.42
CA VAL A 318 13.31 2.66 13.78
C VAL A 318 12.80 3.82 14.64
N ASN A 319 12.71 3.63 15.96
CA ASN A 319 12.25 4.71 16.83
C ASN A 319 13.27 5.83 16.89
N VAL A 320 14.56 5.48 16.82
CA VAL A 320 15.61 6.48 16.97
C VAL A 320 16.07 7.10 15.65
N ALA A 321 15.74 6.45 14.53
CA ALA A 321 15.97 7.05 13.23
C ALA A 321 14.86 8.08 13.05
N SER A 322 13.62 7.65 13.33
CA SER A 322 12.49 8.54 13.32
C SER A 322 12.70 9.82 14.13
N ARG A 323 13.29 9.68 15.31
CA ARG A 323 13.52 10.84 16.16
C ARG A 323 14.66 11.72 15.66
N VAL A 324 15.69 11.09 15.09
CA VAL A 324 16.84 11.83 14.56
C VAL A 324 16.46 12.73 13.39
N THR A 325 15.60 12.22 12.50
CA THR A 325 15.17 13.04 11.37
C THR A 325 14.34 14.23 11.84
N GLY A 326 13.58 14.07 12.92
CA GLY A 326 12.88 15.19 13.54
C GLY A 326 13.83 16.36 13.81
N VAL A 327 15.09 16.02 14.12
CA VAL A 327 16.12 16.98 14.53
C VAL A 327 17.12 17.32 13.43
N ALA A 328 17.12 16.56 12.33
CA ALA A 328 17.99 16.86 11.20
C ALA A 328 17.70 18.24 10.61
N ARG A 329 18.74 18.87 10.07
CA ARG A 329 18.61 20.16 9.39
C ARG A 329 18.25 19.90 7.93
N PRO A 330 17.66 20.90 7.23
CA PRO A 330 17.36 20.76 5.80
C PRO A 330 18.62 20.59 4.97
N GLY A 331 18.60 19.64 4.05
CA GLY A 331 19.79 19.30 3.24
C GLY A 331 20.51 18.13 3.87
N ALA A 332 20.57 18.14 5.20
CA ALA A 332 21.42 17.22 5.96
C ALA A 332 20.90 15.79 6.13
N VAL A 333 21.77 14.83 5.80
CA VAL A 333 21.59 13.45 6.27
C VAL A 333 22.26 13.46 7.63
N LEU A 334 21.51 13.09 8.66
CA LEU A 334 22.05 13.06 10.01
C LEU A 334 22.04 11.62 10.54
N VAL A 335 23.02 11.27 11.38
CA VAL A 335 23.29 9.86 11.67
C VAL A 335 23.63 9.53 13.13
N ALA A 336 23.03 8.47 13.66
CA ALA A 336 23.31 8.05 15.02
C ALA A 336 24.63 7.27 15.07
N ASP A 337 25.19 7.14 16.26
CA ASP A 337 26.43 6.40 16.46
C ASP A 337 26.25 4.92 16.12
N SER A 338 25.05 4.42 16.37
CA SER A 338 24.63 3.08 15.96
C SER A 338 25.21 2.67 14.62
N VAL A 339 25.08 3.56 13.63
CA VAL A 339 25.53 3.27 12.27
C VAL A 339 26.99 3.63 12.02
N ARG A 340 27.54 4.56 12.81
CA ARG A 340 28.97 4.84 12.70
C ARG A 340 29.76 3.54 12.85
N GLU A 341 29.34 2.70 13.80
CA GLU A 341 29.99 1.42 14.03
C GLU A 341 29.44 0.24 13.22
N ALA A 342 28.15 0.27 12.87
CA ALA A 342 27.57 -0.76 12.01
C ALA A 342 28.44 -0.90 10.75
N LEU A 343 29.04 0.21 10.36
CA LEU A 343 30.08 0.25 9.33
C LEU A 343 31.39 -0.25 9.89
N GLY A 344 31.74 0.27 11.07
CA GLY A 344 32.93 -0.14 11.81
C GLY A 344 34.21 0.15 11.04
N ASP A 345 35.14 -0.80 11.09
CA ASP A 345 36.36 -0.67 10.32
C ASP A 345 36.12 -0.92 8.83
N ALA A 346 35.76 0.16 8.13
CA ALA A 346 35.63 0.16 6.67
C ALA A 346 36.76 -0.67 6.08
N PRO A 347 36.43 -1.55 5.09
CA PRO A 347 37.39 -2.62 4.73
C PRO A 347 38.66 -2.01 4.14
N GLU A 348 38.52 -1.50 2.93
CA GLU A 348 39.39 -0.48 2.38
C GLU A 348 38.53 0.78 2.37
N ALA A 349 38.73 1.65 1.36
CA ALA A 349 38.04 2.97 1.29
C ALA A 349 36.52 2.94 1.55
N ASP A 350 35.95 4.13 1.72
CA ASP A 350 34.53 4.28 2.09
C ASP A 350 33.75 5.22 1.16
N GLY A 351 34.17 6.49 1.13
CA GLY A 351 33.55 7.48 0.26
C GLY A 351 32.57 8.38 0.96
N PHE A 352 32.44 8.24 2.27
CA PHE A 352 31.60 9.15 3.03
C PHE A 352 32.40 10.18 3.79
N GLN A 353 31.73 11.28 4.11
CA GLN A 353 32.30 12.33 4.94
C GLN A 353 31.59 12.51 6.27
N TRP A 354 32.17 11.86 7.27
CA TRP A 354 31.75 11.93 8.66
C TRP A 354 32.20 13.23 9.30
N SER A 355 31.26 13.87 10.00
CA SER A 355 31.40 15.26 10.43
C SER A 355 30.61 15.44 11.71
N PHE A 356 31.14 14.88 12.79
CA PHE A 356 30.47 14.77 14.10
C PHE A 356 29.57 15.94 14.47
N ALA A 357 28.30 15.61 14.69
CA ALA A 357 27.23 16.60 14.89
C ALA A 357 27.06 17.05 16.34
N GLY A 358 27.60 16.31 17.29
CA GLY A 358 27.39 16.59 18.71
C GLY A 358 26.33 15.68 19.31
N PRO A 359 26.40 15.46 20.63
CA PRO A 359 25.37 14.67 21.31
C PRO A 359 24.06 15.49 21.48
N ARG A 360 22.93 14.87 21.14
CA ARG A 360 21.64 15.55 21.16
C ARG A 360 20.66 14.69 21.94
N ARG A 361 19.97 15.28 22.94
CA ARG A 361 19.05 14.50 23.76
C ARG A 361 17.69 14.36 23.09
N LEU A 362 17.42 13.17 22.58
CA LEU A 362 16.18 12.91 21.84
C LEU A 362 14.99 12.85 22.78
N ARG A 363 13.80 12.77 22.20
CA ARG A 363 12.60 12.63 23.02
C ARG A 363 12.15 11.16 22.99
N GLY A 364 11.97 10.58 24.17
CA GLY A 364 11.69 9.15 24.28
C GLY A 364 12.94 8.31 24.58
N ILE A 365 14.11 8.93 24.43
CA ILE A 365 15.36 8.21 24.61
C ILE A 365 16.10 8.64 25.89
N ARG A 366 16.25 7.63 26.81
CA ARG A 366 17.09 7.83 27.98
C ARG A 366 18.53 7.65 27.55
N GLY A 367 19.46 8.46 27.97
CA GLY A 367 20.75 8.68 27.32
C GLY A 367 20.53 9.72 26.24
N ASP A 368 21.60 10.25 25.69
CA ASP A 368 21.49 11.06 24.49
C ASP A 368 22.41 10.52 23.39
N VAL A 369 22.13 10.90 22.16
CA VAL A 369 22.76 10.22 21.05
C VAL A 369 23.83 11.07 20.40
N ARG A 370 25.00 10.46 20.26
CA ARG A 370 26.10 11.03 19.50
C ARG A 370 25.74 10.94 18.01
N LEU A 371 25.42 12.11 17.47
CA LEU A 371 24.95 12.28 16.09
C LEU A 371 26.07 12.68 15.15
N PHE A 372 25.83 12.51 13.85
CA PHE A 372 26.89 12.57 12.87
C PHE A 372 26.34 12.97 11.51
N ARG A 373 26.87 14.05 10.96
CA ARG A 373 26.48 14.45 9.62
C ARG A 373 27.29 13.66 8.61
N VAL A 374 26.67 13.34 7.48
CA VAL A 374 27.35 12.62 6.42
C VAL A 374 27.12 13.30 5.07
N ARG A 375 28.15 13.29 4.23
CA ARG A 375 28.10 13.86 2.89
C ARG A 375 28.72 12.89 1.88
N ARG A 376 28.45 13.14 0.60
CA ARG A 376 28.97 12.29 -0.47
C ARG A 376 30.42 12.65 -0.85
N GLY A 377 31.00 11.87 -1.76
CA GLY A 377 32.31 12.17 -2.36
C GLY A 377 33.48 11.95 -1.41
S SO4 B . 7.38 19.71 9.12
O1 SO4 B . 6.40 20.77 9.45
O2 SO4 B . 7.26 18.60 10.11
O3 SO4 B . 7.08 19.15 7.78
O4 SO4 B . 8.75 20.32 9.17
OH2 1PE C . -16.70 -0.83 -11.39
C12 1PE C . -15.74 -1.56 -12.17
C22 1PE C . -14.42 -0.74 -12.31
OH3 1PE C . -13.50 -1.51 -13.14
C13 1PE C . -11.24 -1.86 -14.15
C23 1PE C . -12.11 -1.08 -13.13
OH4 1PE C . -9.87 -1.36 -14.13
C14 1PE C . -7.65 -1.59 -15.18
C24 1PE C . -8.94 -2.28 -14.72
OH5 1PE C . -6.53 -2.42 -14.85
C15 1PE C . -4.11 -2.82 -14.94
C25 1PE C . -5.35 -2.25 -15.65
OH6 1PE C . -3.07 -3.31 -15.81
C16 1PE C . -0.92 -4.49 -15.65
C26 1PE C . -1.79 -3.33 -15.16
OH7 1PE C . 0.13 -4.78 -14.72
C1 GOL D . 23.76 22.60 2.69
O1 GOL D . 22.92 21.46 2.58
C2 GOL D . 23.16 23.55 3.74
O2 GOL D . 22.41 24.58 3.11
C3 GOL D . 24.29 24.18 4.56
O3 GOL D . 24.54 23.34 5.67
#